data_6ZLN
#
_entry.id   6ZLN
#
_cell.length_a   91.613
_cell.length_b   63.570
_cell.length_c   80.095
_cell.angle_alpha   90.000
_cell.angle_beta   118.390
_cell.angle_gamma   90.000
#
_symmetry.space_group_name_H-M   'C 1 2 1'
#
loop_
_entity.id
_entity.type
_entity.pdbx_description
1 polymer 'Dual specificity protein kinase CLK1'
2 non-polymer 1,2-ETHANEDIOL
3 non-polymer 4-(6-ethoxypyrazolo[1,5-b]pyridazin-3-yl)-~{N}-[3-methoxy-5-(trifluoromethyl)phenyl]pyrimidin-2-amine
4 water water
#
_entity_poly.entity_id   1
_entity_poly.type   'polypeptide(L)'
_entity_poly.pdbx_seq_one_letter_code
;SMHLICQSGDVLSARYEIVDTLGEGAFGKVVECIDHKAGGRHVAVKIVKNVDRYCEAARSEIQVLEHLNTTDPNSTFRCV
QMLEWFEHHGHICIVFELLGLSTYDFIKENGFLPFRLDHIRKMAYQICKSVNFLHSNKLTHTDLKPENILFVQSDYTEAY
NPKIKRDERTLINPDIKVVDFGSATYDDEHHSTLVSTRHYRAPEVILALGWSQPCDVWSIGCILIEYYLGFTVFPTHDSK
EHLAMMERILGPLPKHMIQKTRKRKYFHHDRLDWDEHSSAGRYVSRACKPLKEFMLSQDVEHERLFDLIQKMLEYDPAKR
ITLREALKHPFFDLLKKSI
;
_entity_poly.pdbx_strand_id   A
#
# COMPACT_ATOMS: atom_id res chain seq x y z
N MET A 2 5.08 -25.29 -3.54
CA MET A 2 5.77 -24.45 -4.60
C MET A 2 7.27 -24.38 -4.34
N HIS A 3 7.73 -24.74 -3.16
CA HIS A 3 9.11 -25.28 -3.05
C HIS A 3 9.20 -26.35 -4.14
N LEU A 4 8.13 -27.10 -4.42
CA LEU A 4 8.25 -28.27 -5.34
C LEU A 4 8.67 -27.82 -6.75
N ILE A 5 8.18 -26.70 -7.25
CA ILE A 5 8.15 -26.52 -8.73
C ILE A 5 9.36 -25.75 -9.19
N CYS A 6 10.13 -25.19 -8.26
CA CYS A 6 11.37 -24.49 -8.65
C CYS A 6 12.37 -24.34 -7.51
N GLN A 7 13.59 -23.96 -7.90
CA GLN A 7 14.70 -23.66 -6.96
C GLN A 7 15.80 -22.90 -7.72
N SER A 8 16.77 -22.39 -6.96
N SER A 8 16.73 -22.29 -6.99
CA SER A 8 17.98 -21.75 -7.49
CA SER A 8 17.89 -21.61 -7.59
C SER A 8 18.60 -22.62 -8.59
C SER A 8 18.59 -22.55 -8.56
N GLY A 9 18.90 -22.02 -9.74
CA GLY A 9 19.61 -22.73 -10.79
C GLY A 9 18.65 -23.22 -11.82
N ASP A 10 17.39 -23.37 -11.48
CA ASP A 10 16.38 -23.83 -12.47
C ASP A 10 16.22 -22.77 -13.54
N VAL A 11 15.92 -23.21 -14.76
CA VAL A 11 15.62 -22.31 -15.88
C VAL A 11 14.13 -22.42 -16.19
N LEU A 12 13.46 -21.30 -16.09
CA LEU A 12 12.01 -21.18 -16.39
C LEU A 12 11.82 -20.68 -17.81
N SER A 13 10.85 -21.28 -18.51
CA SER A 13 10.44 -20.82 -19.86
C SER A 13 11.65 -20.77 -20.81
N ALA A 14 12.60 -21.67 -20.63
CA ALA A 14 13.80 -21.87 -21.46
C ALA A 14 14.64 -20.62 -21.45
N ARG A 15 14.54 -19.74 -20.43
CA ARG A 15 15.32 -18.49 -20.51
C ARG A 15 15.59 -17.86 -19.15
N TYR A 16 14.77 -18.04 -18.11
CA TYR A 16 14.89 -17.30 -16.84
C TYR A 16 15.56 -18.20 -15.78
N GLU A 17 16.83 -17.94 -15.49
CA GLU A 17 17.57 -18.76 -14.53
C GLU A 17 17.38 -18.16 -13.13
N ILE A 18 16.83 -18.94 -12.21
CA ILE A 18 16.62 -18.44 -10.82
C ILE A 18 17.97 -18.29 -10.13
N VAL A 19 18.22 -17.12 -9.56
CA VAL A 19 19.46 -16.86 -8.80
C VAL A 19 19.12 -16.53 -7.35
N ASP A 20 17.88 -16.19 -7.03
CA ASP A 20 17.52 -15.84 -5.63
C ASP A 20 16.02 -15.91 -5.48
N THR A 21 15.59 -16.16 -4.27
CA THR A 21 14.17 -15.92 -3.89
C THR A 21 14.10 -14.60 -3.17
N LEU A 22 13.26 -13.71 -3.66
CA LEU A 22 13.17 -12.32 -3.14
C LEU A 22 12.19 -12.28 -1.98
N GLY A 23 11.11 -13.04 -2.07
CA GLY A 23 10.12 -13.06 -0.98
C GLY A 23 9.05 -14.04 -1.28
N GLU A 24 8.28 -14.36 -0.23
CA GLU A 24 7.25 -15.40 -0.33
C GLU A 24 6.03 -14.88 0.44
N GLY A 25 4.88 -15.46 0.15
CA GLY A 25 3.59 -14.92 0.59
C GLY A 25 2.52 -15.95 0.40
N ALA A 26 1.33 -15.70 0.95
CA ALA A 26 0.15 -16.53 0.62
C ALA A 26 -0.02 -16.53 -0.91
N PHE A 27 0.42 -15.48 -1.59
CA PHE A 27 0.20 -15.26 -3.03
C PHE A 27 1.11 -16.15 -3.88
N GLY A 28 2.18 -16.65 -3.30
CA GLY A 28 3.20 -17.37 -4.07
C GLY A 28 4.56 -16.86 -3.70
N LYS A 29 5.45 -16.66 -4.66
CA LYS A 29 6.76 -16.11 -4.32
C LYS A 29 7.27 -15.28 -5.48
N VAL A 30 8.23 -14.44 -5.20
CA VAL A 30 8.90 -13.66 -6.27
C VAL A 30 10.35 -14.10 -6.27
N VAL A 31 10.86 -14.51 -7.44
CA VAL A 31 12.28 -14.94 -7.58
C VAL A 31 12.96 -13.94 -8.47
N GLU A 32 14.26 -13.81 -8.30
CA GLU A 32 15.12 -13.03 -9.18
C GLU A 32 15.74 -13.97 -10.19
N CYS A 33 15.65 -13.64 -11.48
CA CYS A 33 16.18 -14.49 -12.52
C CYS A 33 17.10 -13.71 -13.44
N ILE A 34 18.04 -14.45 -14.00
CA ILE A 34 18.80 -13.95 -15.16
C ILE A 34 18.02 -14.32 -16.40
N ASP A 35 17.74 -13.35 -17.23
CA ASP A 35 17.07 -13.63 -18.52
C ASP A 35 18.15 -13.85 -19.60
N HIS A 36 18.42 -15.10 -19.91
CA HIS A 36 19.38 -15.49 -20.93
C HIS A 36 18.96 -15.07 -22.34
N LYS A 37 17.71 -14.71 -22.59
CA LYS A 37 17.32 -14.26 -23.95
C LYS A 37 17.21 -12.75 -24.01
N ALA A 38 17.57 -12.03 -22.94
CA ALA A 38 17.66 -10.55 -22.95
C ALA A 38 19.01 -10.10 -22.40
N GLY A 39 20.08 -10.75 -22.86
CA GLY A 39 21.46 -10.27 -22.62
C GLY A 39 21.82 -10.38 -21.15
N GLY A 40 21.13 -11.25 -20.44
CA GLY A 40 21.44 -11.50 -19.02
C GLY A 40 20.81 -10.51 -18.08
N ARG A 41 19.82 -9.74 -18.52
CA ARG A 41 19.04 -8.80 -17.68
C ARG A 41 18.52 -9.55 -16.46
N HIS A 42 18.66 -9.00 -15.27
CA HIS A 42 18.00 -9.54 -14.07
C HIS A 42 16.55 -9.02 -14.03
N VAL A 43 15.62 -9.95 -13.80
CA VAL A 43 14.16 -9.68 -13.81
C VAL A 43 13.62 -10.28 -12.53
N ALA A 44 12.43 -9.89 -12.16
CA ALA A 44 11.66 -10.53 -11.09
C ALA A 44 10.60 -11.39 -11.75
N VAL A 45 10.40 -12.55 -11.19
CA VAL A 45 9.33 -13.44 -11.68
C VAL A 45 8.45 -13.77 -10.48
N LYS A 46 7.23 -13.35 -10.56
CA LYS A 46 6.25 -13.78 -9.55
C LYS A 46 5.66 -15.11 -9.98
N ILE A 47 5.77 -16.08 -9.11
CA ILE A 47 5.26 -17.44 -9.32
C ILE A 47 4.04 -17.55 -8.39
N VAL A 48 2.89 -17.63 -9.02
CA VAL A 48 1.57 -17.50 -8.37
C VAL A 48 1.13 -18.84 -7.81
N LYS A 49 0.69 -18.81 -6.57
CA LYS A 49 0.13 -20.00 -5.89
C LYS A 49 -0.98 -20.57 -6.77
N ASN A 50 -0.99 -21.88 -6.98
CA ASN A 50 -1.96 -22.53 -7.91
C ASN A 50 -3.27 -22.81 -7.18
N VAL A 51 -3.96 -21.74 -6.81
CA VAL A 51 -5.23 -21.70 -6.03
C VAL A 51 -6.16 -20.66 -6.70
N ASP A 52 -7.43 -21.01 -6.84
CA ASP A 52 -8.43 -20.29 -7.67
C ASP A 52 -8.31 -18.79 -7.46
N ARG A 53 -8.28 -18.35 -6.21
CA ARG A 53 -8.27 -16.92 -5.83
C ARG A 53 -7.07 -16.20 -6.46
N TYR A 54 -5.88 -16.80 -6.33
CA TYR A 54 -4.61 -16.18 -6.77
C TYR A 54 -4.45 -16.30 -8.28
N CYS A 55 -4.86 -17.43 -8.85
CA CYS A 55 -4.94 -17.59 -10.32
C CYS A 55 -5.79 -16.47 -10.89
N GLU A 56 -6.96 -16.25 -10.33
CA GLU A 56 -7.90 -15.27 -10.92
C GLU A 56 -7.26 -13.90 -10.79
N ALA A 57 -6.69 -13.61 -9.64
CA ALA A 57 -6.05 -12.32 -9.40
C ALA A 57 -4.90 -12.14 -10.40
N ALA A 58 -4.11 -13.18 -10.63
CA ALA A 58 -2.95 -13.10 -11.54
C ALA A 58 -3.45 -12.82 -12.96
N ARG A 59 -4.50 -13.48 -13.43
CA ARG A 59 -4.99 -13.22 -14.78
C ARG A 59 -5.48 -11.77 -14.84
N SER A 60 -6.09 -11.31 -13.77
CA SER A 60 -6.62 -9.94 -13.75
C SER A 60 -5.44 -8.97 -13.78
N GLU A 61 -4.42 -9.23 -12.97
CA GLU A 61 -3.22 -8.38 -12.90
C GLU A 61 -2.59 -8.28 -14.31
N ILE A 62 -2.52 -9.40 -15.03
CA ILE A 62 -1.86 -9.40 -16.38
C ILE A 62 -2.65 -8.43 -17.27
N GLN A 63 -3.98 -8.51 -17.20
CA GLN A 63 -4.88 -7.66 -18.05
C GLN A 63 -4.65 -6.18 -17.66
N VAL A 64 -4.65 -5.87 -16.36
CA VAL A 64 -4.48 -4.47 -15.88
C VAL A 64 -3.10 -3.96 -16.27
N LEU A 65 -2.05 -4.76 -16.08
CA LEU A 65 -0.71 -4.27 -16.42
C LEU A 65 -0.53 -4.15 -17.92
N GLU A 66 -1.11 -5.01 -18.71
CA GLU A 66 -1.01 -4.80 -20.17
C GLU A 66 -1.60 -3.40 -20.46
N HIS A 67 -2.76 -3.08 -19.90
CA HIS A 67 -3.44 -1.78 -20.09
C HIS A 67 -2.53 -0.63 -19.58
N LEU A 68 -2.09 -0.70 -18.34
CA LEU A 68 -1.37 0.46 -17.75
C LEU A 68 -0.05 0.64 -18.48
N ASN A 69 0.62 -0.47 -18.75
CA ASN A 69 1.97 -0.41 -19.36
C ASN A 69 1.90 0.07 -20.81
N THR A 70 0.88 -0.28 -21.58
CA THR A 70 0.76 0.30 -22.95
C THR A 70 0.31 1.76 -22.85
N THR A 71 -0.52 2.13 -21.87
CA THR A 71 -1.00 3.50 -21.71
C THR A 71 0.16 4.41 -21.32
N ASP A 72 1.08 3.89 -20.52
CA ASP A 72 2.22 4.69 -19.99
C ASP A 72 3.51 3.94 -20.29
N PRO A 73 3.95 3.87 -21.56
CA PRO A 73 5.09 3.04 -21.91
C PRO A 73 6.42 3.56 -21.37
N ASN A 74 6.52 4.83 -20.97
CA ASN A 74 7.78 5.34 -20.32
C ASN A 74 7.77 5.09 -18.80
N SER A 75 6.71 4.54 -18.24
CA SER A 75 6.51 4.38 -16.79
C SER A 75 6.69 5.77 -16.11
N THR A 76 6.16 6.83 -16.72
CA THR A 76 6.11 8.17 -16.10
C THR A 76 5.40 8.06 -14.76
N PHE A 77 4.38 7.22 -14.72
CA PHE A 77 3.49 7.11 -13.54
C PHE A 77 3.85 5.95 -12.61
N ARG A 78 5.01 5.34 -12.81
CA ARG A 78 5.64 4.52 -11.78
C ARG A 78 4.82 3.26 -11.45
N CYS A 79 3.99 2.74 -12.35
CA CYS A 79 3.47 1.35 -12.18
C CYS A 79 4.57 0.40 -12.64
N VAL A 80 4.76 -0.69 -11.92
CA VAL A 80 5.75 -1.70 -12.35
C VAL A 80 5.51 -2.12 -13.78
N GLN A 81 6.60 -2.36 -14.50
CA GLN A 81 6.56 -2.87 -15.89
C GLN A 81 6.53 -4.39 -15.89
N MET A 82 5.49 -4.92 -16.47
CA MET A 82 5.41 -6.37 -16.74
C MET A 82 6.04 -6.64 -18.10
N LEU A 83 6.91 -7.62 -18.16
CA LEU A 83 7.64 -7.96 -19.41
C LEU A 83 6.95 -9.08 -20.18
N GLU A 84 6.43 -10.08 -19.50
CA GLU A 84 5.62 -11.14 -20.12
C GLU A 84 5.11 -12.05 -19.03
N TRP A 85 4.44 -13.10 -19.43
CA TRP A 85 3.99 -14.11 -18.46
C TRP A 85 4.04 -15.44 -19.14
N PHE A 86 4.07 -16.50 -18.34
CA PHE A 86 4.08 -17.87 -18.86
C PHE A 86 3.62 -18.82 -17.76
N GLU A 87 3.52 -20.10 -18.07
CA GLU A 87 3.09 -21.14 -17.10
C GLU A 87 4.25 -22.09 -16.90
N HIS A 88 4.41 -22.56 -15.66
CA HIS A 88 5.48 -23.47 -15.22
C HIS A 88 4.82 -24.48 -14.30
N HIS A 89 4.76 -25.76 -14.69
CA HIS A 89 4.10 -26.79 -13.88
C HIS A 89 2.70 -26.34 -13.47
N GLY A 90 2.00 -25.67 -14.41
CA GLY A 90 0.61 -25.24 -14.21
C GLY A 90 0.50 -24.04 -13.28
N HIS A 91 1.60 -23.38 -12.96
CA HIS A 91 1.55 -22.12 -12.20
C HIS A 91 1.69 -20.97 -13.16
N ILE A 92 0.96 -19.91 -12.92
CA ILE A 92 1.14 -18.62 -13.65
C ILE A 92 2.39 -17.95 -13.10
N CYS A 93 3.26 -17.52 -14.00
CA CYS A 93 4.49 -16.80 -13.70
C CYS A 93 4.51 -15.51 -14.48
N ILE A 94 4.67 -14.43 -13.76
CA ILE A 94 4.63 -13.08 -14.37
C ILE A 94 6.03 -12.49 -14.24
N VAL A 95 6.56 -12.00 -15.34
CA VAL A 95 7.92 -11.42 -15.38
C VAL A 95 7.79 -9.92 -15.28
N PHE A 96 8.58 -9.33 -14.38
CA PHE A 96 8.64 -7.88 -14.20
C PHE A 96 10.03 -7.38 -14.34
N GLU A 97 10.18 -6.08 -14.66
CA GLU A 97 11.44 -5.38 -14.38
C GLU A 97 11.78 -5.54 -12.89
N LEU A 98 13.04 -5.69 -12.54
CA LEU A 98 13.43 -5.98 -11.13
C LEU A 98 13.39 -4.69 -10.31
N LEU A 99 12.67 -4.70 -9.21
CA LEU A 99 12.64 -3.60 -8.20
C LEU A 99 13.25 -4.12 -6.92
N GLY A 100 13.66 -3.21 -6.05
CA GLY A 100 14.15 -3.52 -4.73
C GLY A 100 13.02 -3.81 -3.75
N LEU A 101 13.36 -3.78 -2.48
CA LEU A 101 12.43 -4.30 -1.47
C LEU A 101 11.28 -3.31 -1.26
N SER A 102 10.22 -3.84 -0.72
CA SER A 102 9.03 -3.03 -0.37
C SER A 102 9.37 -2.02 0.73
N THR A 103 8.53 -1.00 0.83
CA THR A 103 8.68 0.01 1.88
C THR A 103 8.43 -0.68 3.24
N TYR A 104 7.58 -1.71 3.27
CA TYR A 104 7.36 -2.47 4.53
C TYR A 104 8.68 -3.14 4.92
N ASP A 105 9.24 -3.90 3.99
CA ASP A 105 10.46 -4.68 4.26
C ASP A 105 11.61 -3.75 4.64
N PHE A 106 11.71 -2.59 4.00
CA PHE A 106 12.70 -1.60 4.43
C PHE A 106 12.50 -1.24 5.90
N ILE A 107 11.28 -0.88 6.31
CA ILE A 107 11.00 -0.45 7.69
C ILE A 107 11.40 -1.60 8.61
N LYS A 108 10.99 -2.80 8.25
CA LYS A 108 11.25 -3.99 9.07
C LYS A 108 12.76 -4.14 9.24
N GLU A 109 13.49 -3.99 8.15
CA GLU A 109 14.97 -4.22 8.16
C GLU A 109 15.65 -3.04 8.86
N ASN A 110 14.95 -1.95 9.02
CA ASN A 110 15.42 -0.77 9.77
C ASN A 110 14.88 -0.82 11.20
N GLY A 111 14.59 -2.01 11.74
CA GLY A 111 14.14 -2.14 13.12
C GLY A 111 12.86 -1.38 13.41
N PHE A 112 11.97 -1.31 12.43
CA PHE A 112 10.65 -0.64 12.52
C PHE A 112 10.84 0.85 12.86
N LEU A 113 11.96 1.44 12.46
CA LEU A 113 12.13 2.91 12.54
C LEU A 113 11.41 3.53 11.37
N PRO A 114 10.78 4.69 11.60
CA PRO A 114 10.06 5.33 10.55
C PRO A 114 11.04 5.97 9.58
N PHE A 115 10.51 6.38 8.44
CA PHE A 115 11.24 7.16 7.44
C PHE A 115 11.33 8.61 7.90
N ARG A 116 12.36 9.31 7.50
CA ARG A 116 12.47 10.73 7.86
C ARG A 116 11.57 11.50 6.89
N LEU A 117 11.12 12.63 7.36
CA LEU A 117 10.00 13.35 6.71
C LEU A 117 10.35 13.67 5.25
N ASP A 118 11.60 14.04 4.91
CA ASP A 118 11.94 14.40 3.49
C ASP A 118 11.67 13.22 2.55
N HIS A 119 11.99 11.99 2.99
CA HIS A 119 11.72 10.78 2.21
C HIS A 119 10.21 10.54 2.16
N ILE A 120 9.50 10.76 3.22
CA ILE A 120 8.03 10.55 3.22
C ILE A 120 7.43 11.49 2.17
N ARG A 121 7.90 12.71 2.14
CA ARG A 121 7.34 13.69 1.18
C ARG A 121 7.54 13.15 -0.24
N LYS A 122 8.74 12.69 -0.59
CA LYS A 122 9.05 12.25 -1.95
C LYS A 122 8.20 11.01 -2.26
N MET A 123 8.17 10.06 -1.33
CA MET A 123 7.46 8.79 -1.57
C MET A 123 5.97 9.09 -1.69
N ALA A 124 5.44 9.93 -0.83
CA ALA A 124 4.00 10.26 -0.85
C ALA A 124 3.64 10.84 -2.20
N TYR A 125 4.46 11.77 -2.71
CA TYR A 125 4.17 12.40 -3.99
C TYR A 125 4.10 11.33 -5.07
N GLN A 126 5.08 10.43 -5.12
CA GLN A 126 5.14 9.39 -6.17
C GLN A 126 3.99 8.40 -6.05
N ILE A 127 3.60 8.02 -4.83
CA ILE A 127 2.45 7.11 -4.62
C ILE A 127 1.20 7.79 -5.10
N CYS A 128 0.99 9.04 -4.72
CA CYS A 128 -0.21 9.79 -5.13
C CYS A 128 -0.23 9.91 -6.63
N LYS A 129 0.92 10.18 -7.24
CA LYS A 129 0.97 10.38 -8.68
C LYS A 129 0.68 9.07 -9.39
N SER A 130 1.25 7.98 -8.91
CA SER A 130 1.07 6.67 -9.55
C SER A 130 -0.38 6.26 -9.43
N VAL A 131 -0.92 6.31 -8.21
CA VAL A 131 -2.29 5.82 -7.98
C VAL A 131 -3.28 6.76 -8.65
N ASN A 132 -2.94 8.02 -8.78
CA ASN A 132 -3.80 8.96 -9.54
C ASN A 132 -3.89 8.57 -11.00
N PHE A 133 -2.82 8.03 -11.56
CA PHE A 133 -2.85 7.48 -12.94
C PHE A 133 -3.83 6.34 -13.05
N LEU A 134 -3.89 5.44 -12.07
CA LEU A 134 -4.97 4.43 -12.10
C LEU A 134 -6.33 5.12 -12.08
N HIS A 135 -6.51 6.10 -11.21
CA HIS A 135 -7.83 6.77 -11.03
C HIS A 135 -8.21 7.53 -12.31
N SER A 136 -7.22 7.98 -13.06
CA SER A 136 -7.42 8.64 -14.39
C SER A 136 -7.87 7.63 -15.45
N ASN A 137 -7.67 6.34 -15.20
CA ASN A 137 -7.93 5.25 -16.16
C ASN A 137 -9.04 4.33 -15.64
N LYS A 138 -9.92 4.89 -14.82
CA LYS A 138 -11.17 4.26 -14.35
C LYS A 138 -10.79 3.02 -13.53
N LEU A 139 -9.69 3.06 -12.80
CA LEU A 139 -9.26 1.91 -11.99
C LEU A 139 -9.13 2.32 -10.52
N THR A 140 -9.39 1.36 -9.64
CA THR A 140 -9.14 1.53 -8.18
C THR A 140 -8.20 0.40 -7.84
N HIS A 141 -7.08 0.65 -7.15
CA HIS A 141 -6.12 -0.44 -6.79
C HIS A 141 -6.76 -1.40 -5.75
N THR A 142 -7.33 -0.83 -4.69
CA THR A 142 -8.12 -1.45 -3.59
C THR A 142 -7.21 -2.14 -2.57
N ASP A 143 -5.95 -2.36 -2.84
CA ASP A 143 -5.15 -3.12 -1.83
C ASP A 143 -3.83 -2.43 -1.62
N LEU A 144 -3.82 -1.11 -1.53
CA LEU A 144 -2.56 -0.42 -1.32
C LEU A 144 -2.07 -0.65 0.12
N LYS A 145 -0.79 -0.87 0.26
CA LYS A 145 -0.18 -1.10 1.57
C LYS A 145 1.31 -1.01 1.38
N PRO A 146 2.08 -0.84 2.47
CA PRO A 146 3.51 -0.63 2.34
C PRO A 146 4.17 -1.81 1.64
N GLU A 147 3.60 -2.98 1.73
CA GLU A 147 4.15 -4.18 1.04
C GLU A 147 4.09 -4.10 -0.49
N ASN A 148 3.23 -3.24 -1.03
N ASN A 148 3.21 -3.30 -1.09
CA ASN A 148 2.93 -3.11 -2.48
CA ASN A 148 3.17 -3.23 -2.56
C ASN A 148 3.64 -1.89 -3.09
C ASN A 148 3.53 -1.83 -3.06
N ILE A 149 4.36 -1.11 -2.30
CA ILE A 149 5.15 0.04 -2.74
C ILE A 149 6.58 -0.42 -2.66
N LEU A 150 7.29 -0.47 -3.77
N LEU A 150 7.29 -0.49 -3.78
CA LEU A 150 8.66 -1.03 -3.80
CA LEU A 150 8.66 -1.05 -3.82
C LEU A 150 9.65 0.05 -4.18
C LEU A 150 9.63 0.08 -4.14
N PHE A 151 10.79 0.03 -3.52
CA PHE A 151 11.91 0.91 -3.90
C PHE A 151 12.48 0.43 -5.23
N VAL A 152 12.79 1.37 -6.09
CA VAL A 152 13.50 1.10 -7.37
C VAL A 152 14.88 0.56 -7.05
N GLN A 153 15.55 1.16 -6.08
CA GLN A 153 16.89 0.72 -5.66
C GLN A 153 17.03 0.98 -4.17
N SER A 154 17.44 -0.02 -3.42
CA SER A 154 17.27 0.05 -1.96
C SER A 154 18.64 0.23 -1.30
N ASP A 155 19.63 0.73 -2.01
CA ASP A 155 20.93 1.06 -1.38
C ASP A 155 20.73 2.10 -0.28
N TYR A 156 21.43 1.93 0.82
CA TYR A 156 21.26 2.84 1.97
C TYR A 156 22.58 3.12 2.67
N THR A 157 22.61 4.22 3.43
CA THR A 157 23.69 4.52 4.35
C THR A 157 23.19 4.25 5.76
N GLU A 158 24.09 4.06 6.70
CA GLU A 158 23.70 3.78 8.09
C GLU A 158 24.50 4.68 9.02
N ALA A 159 23.85 5.24 10.02
CA ALA A 159 24.53 6.05 11.05
C ALA A 159 23.79 5.91 12.37
N TYR A 160 24.55 5.90 13.46
CA TYR A 160 23.98 5.97 14.82
C TYR A 160 23.24 7.30 14.92
N ASN A 161 22.01 7.29 15.38
CA ASN A 161 21.30 8.52 15.76
C ASN A 161 21.27 8.56 17.28
N PRO A 162 21.90 9.57 17.92
CA PRO A 162 21.99 9.59 19.38
C PRO A 162 20.63 9.97 20.00
N LYS A 163 19.84 10.80 19.29
CA LYS A 163 18.51 11.31 19.71
C LYS A 163 17.64 10.15 20.22
N ILE A 164 17.69 9.00 19.53
CA ILE A 164 16.82 7.80 19.76
C ILE A 164 17.70 6.62 20.16
N LYS A 165 19.00 6.83 20.25
CA LYS A 165 19.99 5.77 20.54
C LYS A 165 19.68 4.56 19.67
N ARG A 166 19.50 4.79 18.36
CA ARG A 166 19.30 3.72 17.35
C ARG A 166 20.31 3.94 16.19
N ASP A 167 20.90 2.86 15.69
CA ASP A 167 21.46 2.81 14.31
C ASP A 167 20.29 2.88 13.34
N GLU A 168 20.46 3.68 12.31
CA GLU A 168 19.36 4.08 11.43
C GLU A 168 19.86 3.95 9.99
N ARG A 169 19.05 3.33 9.12
CA ARG A 169 19.34 3.25 7.67
C ARG A 169 18.60 4.37 6.95
N THR A 170 19.29 4.98 5.98
CA THR A 170 18.69 6.05 5.14
C THR A 170 18.87 5.66 3.68
N LEU A 171 17.80 5.62 2.91
CA LEU A 171 17.95 5.34 1.46
C LEU A 171 18.76 6.43 0.78
N ILE A 172 19.55 6.02 -0.20
CA ILE A 172 20.27 6.93 -1.12
C ILE A 172 19.24 7.56 -2.07
N ASN A 173 18.32 6.74 -2.53
CA ASN A 173 17.29 7.18 -3.50
C ASN A 173 15.99 6.52 -3.10
N PRO A 174 14.99 7.29 -2.61
CA PRO A 174 13.73 6.70 -2.16
C PRO A 174 12.68 6.53 -3.27
N ASP A 175 13.06 6.61 -4.55
CA ASP A 175 12.11 6.43 -5.67
C ASP A 175 11.37 5.08 -5.54
N ILE A 176 10.12 5.07 -5.84
CA ILE A 176 9.25 3.88 -5.67
C ILE A 176 8.52 3.58 -6.96
N LYS A 177 7.99 2.37 -7.05
CA LYS A 177 6.95 1.92 -8.00
C LYS A 177 5.88 1.17 -7.21
N VAL A 178 4.70 1.17 -7.77
CA VAL A 178 3.54 0.46 -7.22
C VAL A 178 3.43 -0.90 -7.92
N VAL A 179 3.18 -1.94 -7.15
CA VAL A 179 2.96 -3.31 -7.64
C VAL A 179 1.62 -3.84 -7.12
N ASP A 180 1.31 -5.05 -7.57
CA ASP A 180 0.21 -5.91 -7.05
C ASP A 180 -1.13 -5.39 -7.58
N PHE A 181 -1.43 -5.64 -8.84
CA PHE A 181 -2.66 -5.10 -9.48
C PHE A 181 -3.70 -6.20 -9.60
N GLY A 182 -3.56 -7.30 -8.85
CA GLY A 182 -4.50 -8.43 -8.88
C GLY A 182 -5.86 -8.19 -8.26
N SER A 183 -6.05 -7.10 -7.51
CA SER A 183 -7.35 -6.69 -6.97
C SER A 183 -7.91 -5.45 -7.66
N ALA A 184 -7.11 -4.82 -8.51
CA ALA A 184 -7.49 -3.56 -9.19
C ALA A 184 -8.81 -3.78 -9.95
N THR A 185 -9.75 -2.86 -9.81
CA THR A 185 -11.11 -2.99 -10.29
C THR A 185 -11.41 -1.79 -11.16
N TYR A 186 -11.93 -2.02 -12.36
CA TYR A 186 -12.44 -0.96 -13.24
C TYR A 186 -13.75 -0.44 -12.71
N ASP A 187 -14.07 0.81 -13.03
CA ASP A 187 -15.34 1.44 -12.66
C ASP A 187 -16.56 0.60 -13.06
N ASP A 188 -16.51 -0.01 -14.24
CA ASP A 188 -17.70 -0.72 -14.80
C ASP A 188 -17.70 -2.19 -14.40
N GLU A 189 -16.73 -2.65 -13.63
CA GLU A 189 -16.68 -4.07 -13.21
C GLU A 189 -17.38 -4.27 -11.86
N HIS A 190 -17.62 -5.52 -11.53
CA HIS A 190 -18.21 -5.89 -10.23
C HIS A 190 -17.26 -5.46 -9.13
N HIS A 191 -17.80 -4.77 -8.13
CA HIS A 191 -17.04 -4.35 -6.93
C HIS A 191 -17.26 -5.41 -5.83
N SER A 192 -16.20 -6.16 -5.47
CA SER A 192 -16.20 -7.14 -4.35
C SER A 192 -16.67 -6.42 -3.11
N THR A 193 -17.38 -7.08 -2.21
CA THR A 193 -17.81 -6.48 -0.92
C THR A 193 -16.60 -6.05 -0.11
N LEU A 194 -15.72 -7.00 0.14
CA LEU A 194 -14.48 -6.83 0.93
C LEU A 194 -13.45 -6.37 -0.07
N VAL A 195 -12.83 -5.23 0.14
CA VAL A 195 -11.49 -4.99 -0.48
C VAL A 195 -10.54 -4.43 0.58
N SER A 196 -9.23 -4.51 0.29
CA SER A 196 -8.14 -3.98 1.13
C SER A 196 -7.85 -4.96 2.29
N THR A 197 -6.68 -4.75 2.89
CA THR A 197 -5.98 -5.49 3.97
C THR A 197 -6.32 -4.74 5.24
N ARG A 198 -6.89 -5.43 6.21
CA ARG A 198 -7.53 -4.87 7.42
C ARG A 198 -7.04 -3.44 7.68
N HIS A 199 -5.72 -3.22 7.83
CA HIS A 199 -5.17 -1.99 8.46
C HIS A 199 -5.36 -0.81 7.50
N TYR A 200 -5.71 -1.07 6.22
CA TYR A 200 -5.82 -0.02 5.17
C TYR A 200 -7.24 0.10 4.62
N ARG A 201 -8.22 -0.58 5.19
CA ARG A 201 -9.60 -0.57 4.66
C ARG A 201 -10.36 0.72 5.07
N ALA A 202 -10.95 1.39 4.12
CA ALA A 202 -11.75 2.60 4.32
C ALA A 202 -13.08 2.29 4.98
N PRO A 203 -13.67 3.31 5.63
CA PRO A 203 -14.93 3.12 6.34
C PRO A 203 -16.10 2.75 5.44
N GLU A 204 -16.16 3.29 4.23
CA GLU A 204 -17.25 2.96 3.31
C GLU A 204 -17.10 1.51 2.88
N VAL A 205 -15.90 0.96 2.88
CA VAL A 205 -15.69 -0.48 2.56
C VAL A 205 -16.20 -1.29 3.76
N ILE A 206 -15.79 -0.96 4.99
CA ILE A 206 -16.23 -1.70 6.20
C ILE A 206 -17.74 -1.64 6.33
N LEU A 207 -18.35 -0.50 6.05
CA LEU A 207 -19.82 -0.31 6.22
C LEU A 207 -20.59 -0.66 4.93
N ALA A 208 -19.92 -1.16 3.90
CA ALA A 208 -20.55 -1.64 2.65
C ALA A 208 -21.47 -0.55 2.08
N LEU A 209 -20.94 0.68 1.99
CA LEU A 209 -21.70 1.82 1.46
C LEU A 209 -21.41 1.99 -0.03
N GLY A 210 -20.62 1.10 -0.65
CA GLY A 210 -20.10 1.31 -2.01
C GLY A 210 -18.76 2.02 -1.94
N TRP A 211 -17.83 1.53 -2.70
CA TRP A 211 -16.45 2.06 -2.71
C TRP A 211 -16.09 2.33 -4.15
N SER A 212 -15.12 3.18 -4.34
CA SER A 212 -14.52 3.51 -5.64
C SER A 212 -13.15 4.12 -5.34
N GLN A 213 -12.65 4.98 -6.20
CA GLN A 213 -11.28 5.51 -6.10
C GLN A 213 -10.99 6.03 -4.69
N PRO A 214 -11.91 6.73 -3.98
CA PRO A 214 -11.56 7.30 -2.66
C PRO A 214 -11.06 6.28 -1.66
N CYS A 215 -11.42 5.00 -1.78
CA CYS A 215 -10.90 4.02 -0.81
C CYS A 215 -9.38 3.89 -0.93
N ASP A 216 -8.79 4.13 -2.08
CA ASP A 216 -7.32 4.13 -2.29
C ASP A 216 -6.70 5.34 -1.55
N VAL A 217 -7.42 6.43 -1.52
CA VAL A 217 -6.94 7.64 -0.81
C VAL A 217 -6.85 7.37 0.68
N TRP A 218 -7.87 6.74 1.19
CA TRP A 218 -7.88 6.29 2.59
C TRP A 218 -6.65 5.44 2.87
N SER A 219 -6.43 4.41 2.05
CA SER A 219 -5.28 3.53 2.20
C SER A 219 -3.99 4.35 2.24
N ILE A 220 -3.86 5.26 1.33
CA ILE A 220 -2.60 6.01 1.22
C ILE A 220 -2.45 6.84 2.51
N GLY A 221 -3.51 7.44 3.04
CA GLY A 221 -3.34 8.18 4.30
C GLY A 221 -2.82 7.26 5.39
N CYS A 222 -3.35 6.04 5.48
CA CYS A 222 -2.89 5.04 6.48
C CYS A 222 -1.40 4.68 6.26
N ILE A 223 -0.98 4.49 5.01
CA ILE A 223 0.41 4.22 4.63
C ILE A 223 1.31 5.36 5.10
N LEU A 224 0.86 6.58 4.89
CA LEU A 224 1.75 7.71 5.25
C LEU A 224 1.94 7.76 6.77
N ILE A 225 0.91 7.53 7.55
CA ILE A 225 1.02 7.47 9.04
C ILE A 225 2.04 6.40 9.42
N GLU A 226 1.94 5.24 8.76
CA GLU A 226 2.88 4.13 9.05
C GLU A 226 4.31 4.54 8.72
N TYR A 227 4.54 5.21 7.59
CA TYR A 227 5.87 5.68 7.19
C TYR A 227 6.42 6.60 8.29
N TYR A 228 5.51 7.47 8.76
CA TYR A 228 5.83 8.52 9.77
C TYR A 228 6.13 7.89 11.14
N LEU A 229 5.45 6.83 11.53
CA LEU A 229 5.52 6.30 12.92
C LEU A 229 6.36 5.01 12.96
N GLY A 230 6.40 4.28 11.86
CA GLY A 230 6.94 2.89 11.87
C GLY A 230 5.87 1.83 12.17
N PHE A 231 4.67 2.20 12.59
CA PHE A 231 3.62 1.24 13.04
C PHE A 231 2.28 1.79 12.56
N THR A 232 1.30 0.93 12.35
CA THR A 232 -0.07 1.34 12.02
C THR A 232 -0.73 1.99 13.24
N VAL A 233 -1.63 2.96 13.02
CA VAL A 233 -2.45 3.52 14.14
C VAL A 233 -3.74 2.70 14.26
N PHE A 234 -3.92 1.68 13.42
CA PHE A 234 -5.08 0.75 13.50
C PHE A 234 -4.60 -0.69 13.70
N PRO A 235 -3.98 -0.99 14.85
CA PRO A 235 -3.38 -2.32 15.10
C PRO A 235 -4.48 -3.32 15.48
N THR A 236 -5.23 -3.77 14.48
CA THR A 236 -6.35 -4.72 14.69
C THR A 236 -6.56 -5.49 13.40
N HIS A 237 -7.18 -6.67 13.51
CA HIS A 237 -7.71 -7.42 12.34
C HIS A 237 -9.23 -7.48 12.40
N ASP A 238 -9.86 -6.84 13.42
CA ASP A 238 -11.32 -6.96 13.70
C ASP A 238 -11.99 -5.67 13.22
N SER A 239 -13.05 -5.80 12.42
CA SER A 239 -13.75 -4.67 11.73
C SER A 239 -14.35 -3.72 12.77
N LYS A 240 -15.02 -4.27 13.77
CA LYS A 240 -15.69 -3.42 14.79
C LYS A 240 -14.63 -2.69 15.62
N GLU A 241 -13.55 -3.36 16.00
CA GLU A 241 -12.44 -2.71 16.73
C GLU A 241 -11.84 -1.62 15.84
N HIS A 242 -11.66 -1.89 14.58
CA HIS A 242 -11.14 -0.89 13.63
C HIS A 242 -12.05 0.37 13.61
N LEU A 243 -13.37 0.19 13.56
CA LEU A 243 -14.31 1.34 13.64
C LEU A 243 -14.10 2.08 14.96
N ALA A 244 -13.91 1.34 16.07
CA ALA A 244 -13.76 1.96 17.40
C ALA A 244 -12.44 2.75 17.38
N MET A 245 -11.41 2.23 16.72
CA MET A 245 -10.12 2.96 16.65
C MET A 245 -10.29 4.21 15.78
N MET A 246 -10.98 4.08 14.67
CA MET A 246 -11.28 5.25 13.83
C MET A 246 -11.96 6.29 14.71
N GLU A 247 -12.92 5.89 15.53
CA GLU A 247 -13.69 6.89 16.31
C GLU A 247 -12.75 7.56 17.30
N ARG A 248 -11.81 6.84 17.89
CA ARG A 248 -10.89 7.48 18.86
C ARG A 248 -9.89 8.41 18.17
N ILE A 249 -9.41 8.03 17.01
CA ILE A 249 -8.33 8.76 16.30
C ILE A 249 -8.91 9.95 15.52
N LEU A 250 -10.03 9.75 14.88
CA LEU A 250 -10.60 10.72 13.91
C LEU A 250 -11.91 11.30 14.39
N GLY A 251 -12.51 10.81 15.45
CA GLY A 251 -13.79 11.36 15.93
C GLY A 251 -14.96 10.55 15.41
N PRO A 252 -16.20 10.93 15.76
CA PRO A 252 -17.35 10.10 15.52
C PRO A 252 -17.61 9.90 14.03
N LEU A 253 -18.03 8.70 13.68
CA LEU A 253 -18.44 8.37 12.32
C LEU A 253 -19.59 9.33 11.99
N PRO A 254 -19.71 9.79 10.75
CA PRO A 254 -20.83 10.67 10.39
C PRO A 254 -22.16 9.91 10.53
N LYS A 255 -23.17 10.58 11.08
CA LYS A 255 -24.48 9.97 11.36
C LYS A 255 -25.01 9.41 10.03
N HIS A 256 -24.78 10.08 8.90
CA HIS A 256 -25.34 9.67 7.58
C HIS A 256 -24.72 8.34 7.12
N MET A 257 -23.53 7.95 7.61
CA MET A 257 -22.92 6.65 7.27
C MET A 257 -23.46 5.53 8.18
N ILE A 258 -23.73 5.83 9.45
CA ILE A 258 -24.35 4.84 10.37
C ILE A 258 -25.82 4.64 9.94
N GLN A 259 -26.51 5.71 9.55
CA GLN A 259 -27.94 5.69 9.09
C GLN A 259 -28.09 4.72 7.91
N LYS A 260 -27.20 4.81 6.91
CA LYS A 260 -27.37 4.09 5.62
C LYS A 260 -26.88 2.63 5.75
N THR A 261 -25.89 2.35 6.59
CA THR A 261 -25.16 1.06 6.46
C THR A 261 -26.11 -0.13 6.70
N ARG A 262 -25.92 -1.17 5.93
CA ARG A 262 -26.60 -2.45 6.18
C ARG A 262 -25.83 -3.23 7.23
N LYS A 263 -24.62 -2.79 7.60
CA LYS A 263 -23.77 -3.52 8.58
C LYS A 263 -24.24 -3.20 10.00
N ARG A 264 -25.48 -3.53 10.28
CA ARG A 264 -26.11 -3.22 11.58
C ARG A 264 -25.41 -3.99 12.69
N LYS A 265 -24.67 -5.04 12.36
CA LYS A 265 -23.98 -5.86 13.41
C LYS A 265 -22.95 -5.02 14.20
N TYR A 266 -22.45 -3.92 13.65
CA TYR A 266 -21.46 -3.08 14.37
C TYR A 266 -22.10 -2.08 15.34
N PHE A 267 -23.42 -1.94 15.31
CA PHE A 267 -24.12 -0.78 15.92
C PHE A 267 -25.18 -1.26 16.88
N HIS A 268 -25.40 -0.43 17.89
CA HIS A 268 -26.53 -0.50 18.84
C HIS A 268 -27.26 0.83 18.72
N HIS A 269 -28.45 0.82 18.15
CA HIS A 269 -29.08 2.08 17.74
C HIS A 269 -28.15 2.82 16.78
N ASP A 270 -27.75 4.03 17.10
CA ASP A 270 -26.97 4.90 16.19
C ASP A 270 -25.53 5.04 16.69
N ARG A 271 -25.11 4.15 17.58
CA ARG A 271 -23.77 4.20 18.21
C ARG A 271 -23.07 2.89 17.85
N LEU A 272 -21.76 2.90 17.74
CA LEU A 272 -20.98 1.64 17.69
C LEU A 272 -21.30 0.75 18.90
N ASP A 273 -21.59 -0.52 18.64
CA ASP A 273 -21.87 -1.52 19.70
C ASP A 273 -20.56 -1.85 20.40
N TRP A 274 -20.11 -1.00 21.30
CA TRP A 274 -18.71 -0.99 21.74
C TRP A 274 -18.66 -0.83 23.25
N ASP A 275 -18.02 -1.79 23.92
CA ASP A 275 -17.88 -1.75 25.38
C ASP A 275 -16.49 -1.20 25.65
N GLU A 276 -16.41 0.06 26.07
CA GLU A 276 -15.10 0.73 26.33
C GLU A 276 -14.36 0.00 27.43
N HIS A 277 -15.04 -0.76 28.27
CA HIS A 277 -14.50 -1.36 29.51
C HIS A 277 -14.06 -2.83 29.30
N SER A 278 -14.36 -3.40 28.14
CA SER A 278 -13.92 -4.76 27.72
C SER A 278 -12.41 -4.76 27.47
N SER A 279 -11.84 -5.96 27.28
CA SER A 279 -10.44 -6.13 26.84
C SER A 279 -10.15 -5.28 25.59
N ALA A 280 -10.94 -5.45 24.57
CA ALA A 280 -10.77 -4.72 23.30
C ALA A 280 -10.99 -3.23 23.52
N GLY A 281 -11.96 -2.87 24.36
CA GLY A 281 -12.21 -1.46 24.73
C GLY A 281 -11.06 -0.77 25.45
N ARG A 282 -10.42 -1.49 26.35
CA ARG A 282 -9.27 -0.97 27.15
C ARG A 282 -8.04 -0.86 26.24
N TYR A 283 -7.85 -1.84 25.35
CA TYR A 283 -6.77 -1.79 24.32
C TYR A 283 -6.97 -0.60 23.40
N VAL A 284 -8.19 -0.41 22.95
CA VAL A 284 -8.42 0.72 22.01
C VAL A 284 -8.12 2.04 22.72
N SER A 285 -8.61 2.23 23.92
CA SER A 285 -8.37 3.44 24.76
C SER A 285 -6.85 3.63 25.02
N ARG A 286 -6.06 2.57 25.23
CA ARG A 286 -4.59 2.74 25.49
C ARG A 286 -3.89 3.05 24.16
N ALA A 287 -4.27 2.35 23.10
CA ALA A 287 -3.50 2.26 21.85
C ALA A 287 -3.79 3.45 20.96
N CYS A 288 -4.99 4.02 21.07
CA CYS A 288 -5.47 5.01 20.06
C CYS A 288 -5.66 6.34 20.77
N LYS A 289 -5.46 7.43 20.04
CA LYS A 289 -5.70 8.79 20.56
C LYS A 289 -5.92 9.66 19.34
N PRO A 290 -6.34 10.91 19.51
CA PRO A 290 -6.60 11.79 18.37
C PRO A 290 -5.36 11.89 17.48
N LEU A 291 -5.62 11.85 16.19
CA LEU A 291 -4.60 11.78 15.12
C LEU A 291 -3.45 12.73 15.41
N LYS A 292 -3.73 13.98 15.74
CA LYS A 292 -2.61 14.95 15.84
C LYS A 292 -1.74 14.66 17.05
N GLU A 293 -2.22 13.86 18.02
CA GLU A 293 -1.35 13.54 19.19
C GLU A 293 -0.19 12.61 18.77
N PHE A 294 -0.25 12.04 17.57
CA PHE A 294 0.80 11.10 17.07
C PHE A 294 1.95 11.90 16.49
N MET A 295 1.79 13.21 16.32
CA MET A 295 2.85 14.03 15.72
C MET A 295 4.09 14.00 16.60
N LEU A 296 5.25 13.88 15.98
CA LEU A 296 6.53 13.73 16.69
C LEU A 296 7.14 15.12 16.89
N SER A 297 6.65 16.07 16.13
CA SER A 297 7.14 17.47 16.08
C SER A 297 5.93 18.34 15.83
N GLN A 298 5.92 19.55 16.39
CA GLN A 298 4.91 20.59 16.07
C GLN A 298 5.45 21.49 14.93
N ASP A 299 6.62 21.18 14.37
CA ASP A 299 7.22 21.94 13.24
C ASP A 299 6.24 21.99 12.08
N VAL A 300 6.29 23.05 11.30
CA VAL A 300 5.22 23.27 10.31
C VAL A 300 5.24 22.14 9.27
N GLU A 301 6.40 21.58 8.92
CA GLU A 301 6.41 20.53 7.86
C GLU A 301 5.65 19.30 8.35
N HIS A 302 5.66 19.06 9.65
CA HIS A 302 4.86 17.96 10.25
C HIS A 302 3.39 18.33 10.23
N GLU A 303 3.03 19.59 10.54
N GLU A 303 3.06 19.59 10.52
CA GLU A 303 1.62 20.02 10.48
CA GLU A 303 1.65 20.09 10.52
C GLU A 303 1.08 19.86 9.06
C GLU A 303 1.07 20.04 9.11
N ARG A 304 1.91 20.17 8.07
CA ARG A 304 1.49 20.06 6.66
C ARG A 304 1.22 18.60 6.34
N LEU A 305 2.10 17.68 6.78
CA LEU A 305 1.86 16.27 6.51
C LEU A 305 0.56 15.87 7.19
N PHE A 306 0.39 16.25 8.42
CA PHE A 306 -0.79 15.82 9.19
C PHE A 306 -2.05 16.45 8.62
N ASP A 307 -1.93 17.64 8.04
CA ASP A 307 -3.07 18.29 7.37
C ASP A 307 -3.47 17.43 6.17
N LEU A 308 -2.51 16.95 5.40
CA LEU A 308 -2.82 16.05 4.25
C LEU A 308 -3.40 14.70 4.75
N ILE A 309 -2.83 14.15 5.79
CA ILE A 309 -3.29 12.82 6.26
C ILE A 309 -4.72 12.98 6.74
N GLN A 310 -5.00 14.06 7.45
CA GLN A 310 -6.37 14.28 7.95
C GLN A 310 -7.33 14.35 6.76
N LYS A 311 -6.95 15.01 5.65
CA LYS A 311 -7.85 15.13 4.50
C LYS A 311 -8.02 13.75 3.88
N MET A 312 -6.98 12.94 3.87
CA MET A 312 -7.05 11.60 3.26
C MET A 312 -7.92 10.68 4.10
N LEU A 313 -7.97 10.91 5.38
CA LEU A 313 -8.77 10.12 6.34
C LEU A 313 -10.08 10.80 6.66
N GLU A 314 -10.62 11.59 5.74
CA GLU A 314 -11.99 12.11 5.82
C GLU A 314 -12.94 10.92 5.69
N TYR A 315 -13.90 10.80 6.60
CA TYR A 315 -14.80 9.64 6.59
C TYR A 315 -15.62 9.64 5.31
N ASP A 316 -16.20 10.78 4.95
CA ASP A 316 -17.14 10.83 3.80
C ASP A 316 -16.28 10.64 2.55
N PRO A 317 -16.50 9.60 1.72
CA PRO A 317 -15.61 9.40 0.57
C PRO A 317 -15.78 10.41 -0.54
N ALA A 318 -16.90 11.16 -0.58
CA ALA A 318 -17.06 12.24 -1.58
C ALA A 318 -16.27 13.47 -1.13
N LYS A 319 -16.38 13.83 0.15
CA LYS A 319 -15.63 15.00 0.70
C LYS A 319 -14.13 14.75 0.63
N ARG A 320 -13.69 13.51 0.83
CA ARG A 320 -12.28 13.09 0.89
C ARG A 320 -11.50 13.68 -0.28
N ILE A 321 -10.36 14.21 0.03
CA ILE A 321 -9.41 14.75 -0.95
C ILE A 321 -9.18 13.72 -2.05
N THR A 322 -9.18 14.16 -3.30
CA THR A 322 -8.75 13.31 -4.44
C THR A 322 -7.25 13.31 -4.52
N LEU A 323 -6.68 12.33 -5.24
CA LEU A 323 -5.22 12.37 -5.42
C LEU A 323 -4.82 13.52 -6.32
N ARG A 324 -5.65 13.92 -7.25
CA ARG A 324 -5.34 15.10 -8.07
C ARG A 324 -5.17 16.31 -7.13
N GLU A 325 -6.06 16.46 -6.14
CA GLU A 325 -5.96 17.58 -5.17
C GLU A 325 -4.80 17.36 -4.22
N ALA A 326 -4.59 16.13 -3.78
CA ALA A 326 -3.43 15.81 -2.91
C ALA A 326 -2.12 16.27 -3.54
N LEU A 327 -1.95 16.11 -4.81
CA LEU A 327 -0.68 16.45 -5.48
C LEU A 327 -0.42 17.96 -5.42
N LYS A 328 -1.47 18.74 -5.16
CA LYS A 328 -1.37 20.20 -5.02
C LYS A 328 -1.23 20.63 -3.56
N HIS A 329 -1.29 19.72 -2.60
CA HIS A 329 -1.32 20.08 -1.16
C HIS A 329 -0.03 20.75 -0.74
N PRO A 330 -0.06 21.68 0.24
CA PRO A 330 1.14 22.38 0.68
C PRO A 330 2.33 21.51 1.13
N PHE A 331 2.05 20.31 1.60
CA PHE A 331 3.11 19.40 2.07
C PHE A 331 4.12 19.19 0.93
N PHE A 332 3.70 19.23 -0.34
CA PHE A 332 4.57 18.97 -1.51
C PHE A 332 5.19 20.23 -2.10
N ASP A 333 4.90 21.39 -1.50
CA ASP A 333 5.50 22.66 -1.97
C ASP A 333 7.02 22.48 -2.01
N LEU A 334 7.61 21.90 -0.98
CA LEU A 334 9.09 21.82 -0.90
C LEU A 334 9.59 21.09 -2.15
N LEU A 335 8.85 20.12 -2.71
CA LEU A 335 9.33 19.33 -3.88
C LEU A 335 9.30 20.20 -5.11
N LYS A 336 8.57 21.30 -5.06
CA LYS A 336 8.34 22.14 -6.24
C LYS A 336 9.19 23.39 -6.17
N LYS A 337 10.02 23.53 -5.14
CA LYS A 337 10.96 24.67 -5.04
C LYS A 337 11.86 24.62 -6.27
N SER A 338 12.06 25.76 -6.89
CA SER A 338 12.77 25.85 -8.17
C SER A 338 14.17 25.26 -8.00
N ILE A 339 14.60 24.51 -9.00
CA ILE A 339 16.01 24.05 -9.07
C ILE A 339 16.93 25.28 -9.01
#